data_3K80
#
_entry.id   3K80
#
_cell.length_a   120.278
_cell.length_b   52.499
_cell.length_c   85.845
_cell.angle_alpha   90.00
_cell.angle_beta   104.61
_cell.angle_gamma   90.00
#
_symmetry.space_group_name_H-M   'C 1 2 1'
#
loop_
_entity.id
_entity.type
_entity.pdbx_description
1 polymer Antibody
2 polymer 'MP18 RNA editing complex protein'
3 water water
#
loop_
_entity_poly.entity_id
_entity_poly.type
_entity_poly.pdbx_seq_one_letter_code
_entity_poly.pdbx_strand_id
1 'polypeptide(L)'
;QVQLQESGGGLVQAGDSLRLSCVASGRAFSSYGMGWFRQAPGKERAFVAAISRSGGLTQYAESLKGRFAISRDNAKNTVY
LQMGSLKPEDTAVYYCAGDLYGLGSHMENEYDSWGQGTQVTVSSHHHHHH
;
A,B
2 'polypeptide(L)'
;GMSKSVNSVTLVGVVHDIQSGFVYEDAVTQFTLTTTSIDTTHPTQEVVVEKDHHTIRCFGELFSAEVKQKVKEGNVVCVN
GRLRLSPQLEPSCNKHFYFPYIQVQPPHGQVAVIHGDRRTVPAAVNPAVEDIKSEKEGSGGDQSGVPS
;
D,C
#
# COMPACT_ATOMS: atom_id res chain seq x y z
N GLN A 1 -5.91 -7.78 -37.28
CA GLN A 1 -5.67 -9.04 -36.58
C GLN A 1 -4.19 -9.26 -36.32
N VAL A 2 -3.86 -9.60 -35.07
CA VAL A 2 -2.50 -9.94 -34.69
C VAL A 2 -2.48 -11.32 -34.04
N GLN A 3 -1.33 -11.99 -34.14
CA GLN A 3 -1.17 -13.35 -33.62
C GLN A 3 -0.64 -13.37 -32.19
N LEU A 4 -1.43 -13.93 -31.27
CA LEU A 4 -1.08 -13.93 -29.85
C LEU A 4 -0.81 -15.34 -29.32
N GLN A 5 0.12 -15.45 -28.38
CA GLN A 5 0.56 -16.76 -27.90
C GLN A 5 0.73 -16.80 -26.38
N GLU A 6 -0.26 -17.37 -25.69
CA GLU A 6 -0.15 -17.53 -24.23
C GLU A 6 0.97 -18.48 -23.87
N SER A 7 1.44 -18.38 -22.62
CA SER A 7 2.36 -19.38 -22.07
C SER A 7 2.36 -19.28 -20.55
N GLY A 8 3.05 -20.21 -19.90
CA GLY A 8 3.18 -20.19 -18.45
C GLY A 8 2.15 -21.00 -17.70
N GLY A 9 1.24 -21.65 -18.44
CA GLY A 9 0.19 -22.48 -17.85
C GLY A 9 0.73 -23.61 -16.98
N GLY A 10 -0.15 -24.53 -16.57
CA GLY A 10 0.32 -25.74 -15.91
C GLY A 10 -0.37 -26.22 -14.65
N LEU A 11 0.23 -27.24 -14.03
CA LEU A 11 -0.31 -27.87 -12.82
C LEU A 11 0.12 -27.07 -11.61
N VAL A 12 -0.82 -26.75 -10.75
CA VAL A 12 -0.50 -25.90 -9.62
C VAL A 12 -1.27 -26.28 -8.36
N GLN A 13 -0.68 -25.98 -7.21
CA GLN A 13 -1.28 -26.28 -5.93
C GLN A 13 -1.98 -25.07 -5.38
N ALA A 14 -3.15 -25.26 -4.78
CA ALA A 14 -3.88 -24.15 -4.17
C ALA A 14 -2.94 -23.27 -3.33
N GLY A 15 -3.27 -21.99 -3.19
CA GLY A 15 -2.45 -21.06 -2.44
C GLY A 15 -1.26 -20.56 -3.25
N ASP A 16 -0.92 -21.31 -4.31
CA ASP A 16 0.20 -20.96 -5.18
C ASP A 16 0.02 -19.65 -5.92
N SER A 17 1.00 -19.35 -6.76
CA SER A 17 1.04 -18.14 -7.54
C SER A 17 1.58 -18.51 -8.89
N LEU A 18 0.99 -17.93 -9.93
CA LEU A 18 1.42 -18.26 -11.28
C LEU A 18 1.44 -16.99 -12.09
N ARG A 19 2.42 -16.84 -12.98
CA ARG A 19 2.44 -15.69 -13.87
C ARG A 19 2.33 -16.15 -15.31
N LEU A 20 1.34 -15.62 -16.03
CA LEU A 20 1.16 -15.95 -17.44
C LEU A 20 1.66 -14.83 -18.35
N SER A 21 2.09 -15.21 -19.55
CA SER A 21 2.60 -14.24 -20.51
C SER A 21 1.83 -14.40 -21.79
N CYS A 22 1.80 -13.33 -22.57
CA CYS A 22 1.20 -13.35 -23.89
C CYS A 22 2.08 -12.53 -24.80
N VAL A 23 2.54 -13.10 -25.89
CA VAL A 23 3.46 -12.42 -26.79
C VAL A 23 2.80 -12.10 -28.10
N ALA A 24 2.89 -10.83 -28.51
CA ALA A 24 2.27 -10.39 -29.74
C ALA A 24 3.25 -10.42 -30.91
N SER A 25 2.76 -10.89 -32.04
CA SER A 25 3.55 -10.97 -33.25
C SER A 25 3.75 -9.61 -33.88
N GLY A 26 4.99 -9.33 -34.26
CA GLY A 26 5.28 -8.24 -35.17
C GLY A 26 5.25 -6.84 -34.60
N ARG A 27 4.54 -5.96 -35.30
CA ARG A 27 4.47 -4.56 -34.91
C ARG A 27 3.12 -4.27 -34.24
N ALA A 28 2.82 -2.99 -34.05
CA ALA A 28 1.49 -2.57 -33.62
C ALA A 28 1.08 -2.93 -32.19
N PHE A 29 1.84 -3.77 -31.50
CA PHE A 29 1.46 -4.16 -30.15
C PHE A 29 1.28 -2.95 -29.25
N SER A 30 2.23 -2.03 -29.32
CA SER A 30 2.19 -0.83 -28.51
C SER A 30 0.93 -0.02 -28.71
N SER A 31 0.18 -0.31 -29.77
CA SER A 31 -1.03 0.46 -30.06
C SER A 31 -2.26 -0.31 -29.60
N TYR A 32 -2.01 -1.49 -29.05
CA TYR A 32 -3.07 -2.42 -28.74
C TYR A 32 -3.45 -2.36 -27.27
N GLY A 33 -4.75 -2.32 -27.01
CA GLY A 33 -5.23 -2.62 -25.68
C GLY A 33 -5.27 -4.13 -25.55
N MET A 34 -4.94 -4.66 -24.37
CA MET A 34 -4.88 -6.11 -24.19
C MET A 34 -5.82 -6.61 -23.09
N GLY A 35 -6.23 -7.87 -23.18
CA GLY A 35 -7.12 -8.46 -22.19
C GLY A 35 -6.99 -9.95 -21.94
N TRP A 36 -7.30 -10.37 -20.71
CA TRP A 36 -7.35 -11.79 -20.36
C TRP A 36 -8.79 -12.26 -20.07
N PHE A 37 -9.12 -13.45 -20.55
CA PHE A 37 -10.39 -14.11 -20.26
C PHE A 37 -10.09 -15.55 -19.86
N ARG A 38 -11.05 -16.23 -19.24
CA ARG A 38 -10.83 -17.62 -18.89
C ARG A 38 -12.11 -18.42 -19.08
N GLN A 39 -11.99 -19.72 -19.37
CA GLN A 39 -13.18 -20.55 -19.47
C GLN A 39 -13.10 -21.81 -18.59
N ALA A 40 -14.00 -21.89 -17.63
CA ALA A 40 -14.04 -23.01 -16.72
C ALA A 40 -15.10 -24.04 -17.15
N PRO A 41 -14.91 -25.31 -16.78
CA PRO A 41 -15.83 -26.40 -17.13
C PRO A 41 -17.27 -26.08 -16.72
N GLY A 42 -18.19 -26.20 -17.66
CA GLY A 42 -19.59 -25.96 -17.40
C GLY A 42 -19.95 -24.50 -17.49
N LYS A 43 -18.96 -23.65 -17.74
CA LYS A 43 -19.23 -22.21 -17.81
C LYS A 43 -18.78 -21.53 -19.11
N GLU A 44 -19.31 -20.35 -19.35
CA GLU A 44 -18.93 -19.55 -20.52
C GLU A 44 -17.67 -18.77 -20.22
N ARG A 45 -16.92 -18.45 -21.27
CA ARG A 45 -15.68 -17.69 -21.11
C ARG A 45 -16.03 -16.38 -20.43
N ALA A 46 -15.25 -16.01 -19.42
CA ALA A 46 -15.52 -14.81 -18.63
C ALA A 46 -14.37 -13.81 -18.70
N PHE A 47 -14.69 -12.52 -18.54
CA PHE A 47 -13.69 -11.48 -18.47
C PHE A 47 -12.81 -11.65 -17.23
N VAL A 48 -11.50 -11.43 -17.37
CA VAL A 48 -10.60 -11.39 -16.21
C VAL A 48 -9.95 -10.02 -15.98
N ALA A 49 -9.23 -9.52 -16.98
CA ALA A 49 -8.53 -8.25 -16.85
C ALA A 49 -8.17 -7.64 -18.19
N ALA A 50 -7.88 -6.35 -18.17
CA ALA A 50 -7.57 -5.63 -19.39
C ALA A 50 -6.77 -4.40 -19.05
N ILE A 51 -6.01 -3.93 -20.03
CA ILE A 51 -5.11 -2.82 -19.83
C ILE A 51 -5.08 -1.96 -21.11
N SER A 52 -5.23 -0.66 -20.93
CA SER A 52 -5.15 0.26 -22.05
C SER A 52 -3.75 0.28 -22.66
N ARG A 53 -3.61 0.99 -23.77
CA ARG A 53 -2.34 1.15 -24.46
C ARG A 53 -1.24 1.81 -23.62
N SER A 54 -1.65 2.65 -22.67
CA SER A 54 -0.79 3.69 -22.13
C SER A 54 0.29 3.36 -21.08
N GLY A 55 0.06 2.40 -20.18
CA GLY A 55 -1.22 1.77 -19.92
C GLY A 55 -1.55 2.04 -18.46
N GLY A 56 -2.24 3.15 -18.21
CA GLY A 56 -2.58 3.57 -16.87
C GLY A 56 -4.02 3.25 -16.54
N LEU A 57 -4.76 2.78 -17.53
CA LEU A 57 -6.13 2.35 -17.31
C LEU A 57 -6.18 0.83 -17.32
N THR A 58 -6.38 0.24 -16.17
CA THR A 58 -6.52 -1.20 -16.10
C THR A 58 -8.00 -1.46 -15.85
N GLN A 59 -8.44 -2.69 -16.08
CA GLN A 59 -9.83 -3.08 -15.82
C GLN A 59 -9.88 -4.49 -15.28
N TYR A 60 -10.79 -4.71 -14.33
CA TYR A 60 -10.81 -5.95 -13.56
C TYR A 60 -12.20 -6.47 -13.23
N ALA A 61 -12.35 -7.79 -13.28
CA ALA A 61 -13.52 -8.44 -12.75
C ALA A 61 -13.50 -8.34 -11.23
N GLU A 62 -14.60 -7.89 -10.64
CA GLU A 62 -14.67 -7.62 -9.20
C GLU A 62 -14.18 -8.77 -8.35
N SER A 63 -14.68 -9.97 -8.61
CA SER A 63 -14.24 -11.17 -7.90
C SER A 63 -12.73 -11.49 -7.98
N LEU A 64 -11.97 -10.74 -8.79
CA LEU A 64 -10.56 -11.05 -9.04
C LEU A 64 -9.54 -9.93 -8.79
N LYS A 65 -10.02 -8.71 -8.53
CA LYS A 65 -9.10 -7.69 -8.05
C LYS A 65 -8.56 -8.15 -6.70
N GLY A 66 -7.33 -7.78 -6.40
CA GLY A 66 -6.69 -8.19 -5.16
C GLY A 66 -5.82 -9.43 -5.36
N ARG A 67 -6.28 -10.33 -6.23
CA ARG A 67 -5.56 -11.57 -6.41
C ARG A 67 -4.81 -11.61 -7.75
N PHE A 68 -5.37 -10.94 -8.75
CA PHE A 68 -4.78 -10.94 -10.08
C PHE A 68 -4.32 -9.54 -10.46
N ALA A 69 -3.30 -9.45 -11.29
CA ALA A 69 -2.81 -8.16 -11.74
C ALA A 69 -2.28 -8.28 -13.16
N ILE A 70 -2.70 -7.35 -14.01
CA ILE A 70 -2.28 -7.33 -15.40
C ILE A 70 -1.18 -6.30 -15.59
N SER A 71 -0.26 -6.58 -16.52
CA SER A 71 0.81 -5.63 -16.83
C SER A 71 1.35 -5.91 -18.20
N ARG A 72 2.13 -4.99 -18.74
CA ARG A 72 2.66 -5.17 -20.09
C ARG A 72 4.09 -4.64 -20.21
N ASP A 73 4.86 -5.23 -21.12
CA ASP A 73 6.19 -4.72 -21.43
C ASP A 73 6.29 -4.65 -22.94
N ASN A 74 6.21 -3.45 -23.49
CA ASN A 74 6.18 -3.30 -24.94
C ASN A 74 7.56 -3.57 -25.56
N ALA A 75 8.59 -3.53 -24.73
CA ALA A 75 9.94 -3.86 -25.16
C ALA A 75 10.11 -5.36 -25.27
N LYS A 76 8.99 -6.08 -25.18
CA LYS A 76 8.99 -7.53 -25.27
C LYS A 76 7.67 -7.97 -25.89
N ASN A 77 6.88 -7.00 -26.32
CA ASN A 77 5.59 -7.28 -26.93
C ASN A 77 4.78 -8.26 -26.09
N THR A 78 4.95 -8.21 -24.77
CA THR A 78 4.31 -9.16 -23.87
C THR A 78 3.31 -8.51 -22.91
N VAL A 79 2.21 -9.20 -22.67
CA VAL A 79 1.31 -8.87 -21.58
C VAL A 79 1.28 -10.04 -20.59
N TYR A 80 1.19 -9.72 -19.30
CA TYR A 80 1.31 -10.73 -18.26
C TYR A 80 0.02 -10.84 -17.46
N LEU A 81 -0.14 -11.94 -16.75
CA LEU A 81 -1.20 -12.07 -15.77
C LEU A 81 -0.66 -12.79 -14.55
N GLN A 82 -0.47 -12.03 -13.47
CA GLN A 82 0.03 -12.56 -12.22
C GLN A 82 -1.13 -13.01 -11.35
N MET A 83 -1.07 -14.26 -10.90
CA MET A 83 -2.15 -14.83 -10.16
C MET A 83 -1.65 -15.19 -8.78
N GLY A 84 -2.46 -14.88 -7.77
CA GLY A 84 -2.07 -15.10 -6.40
C GLY A 84 -3.13 -15.86 -5.62
N SER A 85 -2.67 -16.57 -4.60
CA SER A 85 -3.56 -17.35 -3.73
C SER A 85 -4.51 -18.19 -4.56
N LEU A 86 -3.93 -18.97 -5.47
CA LEU A 86 -4.74 -19.73 -6.40
C LEU A 86 -5.74 -20.67 -5.70
N LYS A 87 -6.89 -20.83 -6.34
CA LYS A 87 -7.93 -21.69 -5.83
C LYS A 87 -8.30 -22.70 -6.90
N PRO A 88 -9.07 -23.72 -6.52
CA PRO A 88 -9.63 -24.66 -7.51
C PRO A 88 -10.50 -23.94 -8.54
N GLU A 89 -11.24 -22.93 -8.08
CA GLU A 89 -12.15 -22.20 -8.94
C GLU A 89 -11.42 -21.46 -10.05
N ASP A 90 -10.11 -21.32 -9.93
CA ASP A 90 -9.36 -20.60 -10.93
C ASP A 90 -8.93 -21.53 -12.04
N THR A 91 -9.20 -22.82 -11.86
CA THR A 91 -8.90 -23.80 -12.88
C THR A 91 -9.68 -23.45 -14.14
N ALA A 92 -8.98 -23.33 -15.27
CA ALA A 92 -9.61 -22.92 -16.51
C ALA A 92 -8.63 -22.86 -17.66
N VAL A 93 -9.14 -22.55 -18.85
CA VAL A 93 -8.30 -22.15 -19.96
C VAL A 93 -8.26 -20.63 -19.99
N TYR A 94 -7.07 -20.06 -20.07
CA TYR A 94 -6.90 -18.62 -20.03
C TYR A 94 -6.42 -18.12 -21.38
N TYR A 95 -7.16 -17.19 -21.98
CA TYR A 95 -6.80 -16.65 -23.28
C TYR A 95 -6.40 -15.19 -23.17
N CYS A 96 -5.48 -14.74 -24.04
CA CYS A 96 -5.28 -13.31 -24.20
C CYS A 96 -5.98 -12.84 -25.47
N ALA A 97 -6.37 -11.57 -25.49
CA ALA A 97 -7.03 -10.96 -26.63
C ALA A 97 -6.45 -9.58 -26.88
N GLY A 98 -6.68 -9.04 -28.07
CA GLY A 98 -6.13 -7.74 -28.42
C GLY A 98 -7.19 -6.81 -28.94
N ASP A 99 -7.20 -5.60 -28.42
CA ASP A 99 -8.18 -4.61 -28.86
C ASP A 99 -7.47 -3.58 -29.72
N LEU A 100 -7.92 -3.47 -30.97
CA LEU A 100 -7.34 -2.52 -31.91
C LEU A 100 -7.48 -1.07 -31.46
N TYR A 101 -8.59 -0.76 -30.81
CA TYR A 101 -8.90 0.64 -30.47
C TYR A 101 -8.08 1.18 -29.31
N GLY A 102 -7.22 0.33 -28.75
CA GLY A 102 -6.25 0.76 -27.74
C GLY A 102 -6.77 0.77 -26.33
N LEU A 103 -7.96 0.22 -26.10
CA LEU A 103 -8.59 0.40 -24.80
C LEU A 103 -8.70 -0.86 -23.95
N GLY A 104 -9.16 -1.96 -24.55
CA GLY A 104 -9.53 -3.13 -23.77
C GLY A 104 -10.94 -2.91 -23.25
N SER A 105 -11.63 -3.99 -22.92
CA SER A 105 -12.97 -3.88 -22.36
C SER A 105 -13.36 -5.15 -21.66
N HIS A 106 -14.52 -5.13 -21.00
CA HIS A 106 -15.01 -6.35 -20.36
C HIS A 106 -15.72 -7.23 -21.37
N MET A 107 -15.98 -6.68 -22.55
CA MET A 107 -16.70 -7.38 -23.59
C MET A 107 -15.80 -8.24 -24.48
N GLU A 108 -16.13 -9.51 -24.56
CA GLU A 108 -15.50 -10.45 -25.46
C GLU A 108 -15.63 -9.89 -26.85
N ASN A 109 -16.80 -9.29 -27.09
CA ASN A 109 -17.17 -8.65 -28.35
C ASN A 109 -16.13 -7.74 -28.96
N GLU A 110 -15.27 -7.17 -28.13
CA GLU A 110 -14.54 -6.00 -28.57
C GLU A 110 -13.05 -6.16 -28.76
N TYR A 111 -12.64 -7.38 -29.10
CA TYR A 111 -11.24 -7.66 -29.46
C TYR A 111 -11.18 -8.29 -30.85
N ASP A 112 -10.26 -7.82 -31.69
CA ASP A 112 -10.11 -8.45 -33.00
C ASP A 112 -9.23 -9.71 -32.94
N SER A 113 -8.26 -9.76 -32.04
CA SER A 113 -7.32 -10.88 -32.02
C SER A 113 -7.45 -11.76 -30.79
N TRP A 114 -7.24 -13.05 -30.95
CA TRP A 114 -7.31 -14.01 -29.84
C TRP A 114 -6.15 -14.99 -29.86
N GLY A 115 -5.62 -15.28 -28.68
CA GLY A 115 -4.63 -16.32 -28.52
C GLY A 115 -5.31 -17.68 -28.57
N GLN A 116 -4.53 -18.74 -28.47
CA GLN A 116 -5.08 -20.09 -28.53
C GLN A 116 -5.54 -20.56 -27.16
N GLY A 117 -4.96 -19.97 -26.12
CA GLY A 117 -5.30 -20.29 -24.75
C GLY A 117 -4.26 -21.19 -24.12
N THR A 118 -4.21 -21.19 -22.79
CA THR A 118 -3.34 -22.07 -22.03
C THR A 118 -4.02 -22.50 -20.74
N GLN A 119 -3.86 -23.77 -20.37
CA GLN A 119 -4.63 -24.37 -19.27
C GLN A 119 -3.96 -24.17 -17.91
N VAL A 120 -4.76 -23.85 -16.91
CA VAL A 120 -4.26 -23.74 -15.56
C VAL A 120 -5.08 -24.63 -14.63
N THR A 121 -4.41 -25.63 -14.08
CA THR A 121 -5.08 -26.60 -13.24
C THR A 121 -4.64 -26.42 -11.80
N VAL A 122 -5.59 -26.10 -10.93
CA VAL A 122 -5.29 -25.82 -9.53
C VAL A 122 -5.78 -26.93 -8.63
N SER A 123 -4.98 -27.98 -8.50
CA SER A 123 -5.29 -29.11 -7.64
C SER A 123 -5.68 -28.68 -6.24
N SER A 124 -6.90 -29.01 -5.84
CA SER A 124 -7.46 -28.54 -4.58
C SER A 124 -6.66 -29.06 -3.38
N VAL B 2 8.02 -7.17 35.58
CA VAL B 2 7.23 -7.63 34.45
C VAL B 2 8.03 -8.53 33.52
N GLN B 3 7.67 -9.83 33.51
CA GLN B 3 8.45 -10.88 32.85
C GLN B 3 8.37 -10.80 31.33
N LEU B 4 9.41 -11.28 30.64
CA LEU B 4 9.44 -11.27 29.17
C LEU B 4 10.18 -12.48 28.60
N GLN B 5 9.61 -13.11 27.58
CA GLN B 5 10.21 -14.32 27.00
C GLN B 5 10.13 -14.40 25.47
N GLU B 6 11.29 -14.35 24.84
CA GLU B 6 11.40 -14.47 23.39
C GLU B 6 11.19 -15.92 22.94
N SER B 7 10.53 -16.10 21.80
CA SER B 7 10.33 -17.45 21.25
C SER B 7 10.28 -17.44 19.73
N GLY B 8 11.10 -18.29 19.11
CA GLY B 8 11.04 -18.45 17.67
C GLY B 8 12.32 -18.16 16.92
N GLY B 9 13.45 -18.18 17.62
CA GLY B 9 14.75 -17.95 17.01
C GLY B 9 15.21 -19.10 16.12
N GLY B 10 16.42 -19.60 16.39
CA GLY B 10 16.99 -20.67 15.61
C GLY B 10 17.70 -20.16 14.36
N LEU B 11 17.86 -21.03 13.37
CA LEU B 11 18.58 -20.70 12.16
C LEU B 11 17.70 -20.81 10.91
N VAL B 12 18.03 -20.04 9.87
CA VAL B 12 17.27 -20.10 8.62
C VAL B 12 18.01 -19.53 7.40
N GLN B 13 17.65 -20.03 6.22
CA GLN B 13 18.36 -19.74 4.97
C GLN B 13 18.18 -18.30 4.50
N ALA B 14 19.31 -17.62 4.29
CA ALA B 14 19.29 -16.27 3.74
C ALA B 14 18.23 -16.15 2.64
N GLY B 15 17.52 -15.02 2.64
CA GLY B 15 16.44 -14.80 1.70
C GLY B 15 15.09 -15.10 2.32
N ASP B 16 15.12 -15.73 3.48
CA ASP B 16 13.91 -16.10 4.18
C ASP B 16 13.36 -15.00 5.09
N SER B 17 12.04 -14.98 5.26
CA SER B 17 11.42 -14.20 6.31
C SER B 17 11.36 -15.01 7.61
N LEU B 18 11.24 -14.32 8.74
CA LEU B 18 11.13 -15.01 10.01
C LEU B 18 10.39 -14.16 11.04
N ARG B 19 9.35 -14.73 11.62
CA ARG B 19 8.56 -14.03 12.62
C ARG B 19 9.05 -14.38 14.01
N LEU B 20 9.19 -13.37 14.87
CA LEU B 20 9.62 -13.57 16.25
C LEU B 20 8.46 -13.23 17.18
N SER B 21 8.56 -13.65 18.44
CA SER B 21 7.50 -13.40 19.39
C SER B 21 8.02 -13.19 20.80
N CYS B 22 7.47 -12.19 21.48
CA CYS B 22 7.83 -11.90 22.86
C CYS B 22 6.57 -11.96 23.68
N VAL B 23 6.55 -12.82 24.69
CA VAL B 23 5.37 -12.96 25.52
C VAL B 23 5.58 -12.40 26.91
N ALA B 24 4.65 -11.56 27.36
CA ALA B 24 4.78 -10.90 28.64
C ALA B 24 3.87 -11.51 29.70
N SER B 25 4.42 -11.71 30.88
CA SER B 25 3.66 -12.26 32.00
C SER B 25 3.23 -11.13 32.90
N GLY B 26 2.04 -11.26 33.48
CA GLY B 26 1.43 -10.15 34.21
C GLY B 26 0.40 -9.50 33.30
N ARG B 27 -0.42 -8.62 33.86
CA ARG B 27 -1.48 -8.02 33.07
C ARG B 27 -1.18 -6.57 32.73
N ALA B 28 0.09 -6.20 32.84
CA ALA B 28 0.50 -4.81 32.58
C ALA B 28 0.93 -4.60 31.14
N PHE B 29 1.11 -5.69 30.40
CA PHE B 29 1.57 -5.61 29.02
C PHE B 29 0.87 -4.48 28.28
N SER B 30 -0.45 -4.41 28.41
CA SER B 30 -1.23 -3.45 27.62
C SER B 30 -0.78 -2.01 27.88
N SER B 31 0.00 -1.80 28.93
CA SER B 31 0.48 -0.46 29.25
C SER B 31 1.94 -0.24 28.86
N TYR B 32 2.62 -1.30 28.46
CA TYR B 32 4.05 -1.24 28.20
C TYR B 32 4.40 -0.91 26.76
N GLY B 33 5.30 0.06 26.59
CA GLY B 33 5.92 0.26 25.29
C GLY B 33 6.83 -0.93 25.07
N MET B 34 6.84 -1.50 23.87
CA MET B 34 7.72 -2.65 23.64
C MET B 34 8.78 -2.37 22.59
N GLY B 35 9.93 -3.03 22.70
CA GLY B 35 11.01 -2.79 21.76
C GLY B 35 11.83 -4.02 21.43
N TRP B 36 12.39 -4.02 20.23
CA TRP B 36 13.27 -5.11 19.82
C TRP B 36 14.68 -4.61 19.57
N PHE B 37 15.65 -5.23 20.23
CA PHE B 37 17.06 -4.89 20.02
C PHE B 37 17.78 -6.12 19.54
N ARG B 38 19.01 -5.97 19.05
CA ARG B 38 19.78 -7.12 18.58
C ARG B 38 21.28 -7.01 18.87
N GLN B 39 21.99 -8.13 18.80
CA GLN B 39 23.42 -8.15 19.11
C GLN B 39 24.16 -9.29 18.41
N ALA B 40 25.01 -8.95 17.44
CA ALA B 40 25.77 -9.94 16.71
C ALA B 40 27.06 -10.27 17.48
N PRO B 41 27.61 -11.46 17.23
CA PRO B 41 28.82 -11.88 17.97
C PRO B 41 29.90 -10.81 17.98
N GLY B 42 30.21 -10.30 19.17
CA GLY B 42 31.33 -9.39 19.34
C GLY B 42 30.94 -7.94 19.38
N LYS B 43 29.80 -7.61 18.79
CA LYS B 43 29.41 -6.22 18.65
C LYS B 43 28.36 -5.80 19.68
N GLU B 44 28.13 -4.50 19.77
CA GLU B 44 27.16 -3.95 20.71
C GLU B 44 25.73 -4.35 20.39
N ARG B 45 24.84 -4.18 21.36
CA ARG B 45 23.43 -4.45 21.15
C ARG B 45 22.76 -3.20 20.57
N ALA B 46 22.18 -3.32 19.38
CA ALA B 46 21.62 -2.16 18.66
C ALA B 46 20.10 -2.18 18.52
N PHE B 47 19.50 -1.00 18.47
CA PHE B 47 18.05 -0.85 18.34
C PHE B 47 17.55 -1.35 16.98
N VAL B 48 16.31 -1.84 16.96
CA VAL B 48 15.68 -2.34 15.74
C VAL B 48 14.29 -1.75 15.52
N ALA B 49 13.41 -1.89 16.50
CA ALA B 49 12.07 -1.37 16.34
C ALA B 49 11.40 -1.20 17.69
N ALA B 50 10.41 -0.34 17.74
CA ALA B 50 9.63 -0.15 18.95
C ALA B 50 8.20 0.24 18.59
N ILE B 51 7.30 0.02 19.54
CA ILE B 51 5.88 0.27 19.34
C ILE B 51 5.31 0.76 20.66
N SER B 52 4.52 1.82 20.60
CA SER B 52 4.01 2.44 21.81
C SER B 52 2.85 1.63 22.36
N ARG B 53 2.37 2.03 23.53
CA ARG B 53 1.21 1.41 24.14
C ARG B 53 0.04 1.35 23.17
N SER B 54 -0.47 2.52 22.80
CA SER B 54 -1.60 2.62 21.87
C SER B 54 -1.35 1.93 20.53
N GLY B 55 -0.09 1.62 20.22
CA GLY B 55 0.23 0.91 18.99
C GLY B 55 0.23 1.73 17.71
N GLY B 56 -0.02 3.03 17.83
CA GLY B 56 -0.07 3.88 16.66
C GLY B 56 1.27 4.57 16.35
N LEU B 57 2.19 4.57 17.31
CA LEU B 57 3.50 5.18 17.11
C LEU B 57 4.60 4.13 17.14
N THR B 58 5.15 3.82 15.99
CA THR B 58 6.21 2.82 15.88
C THR B 58 7.54 3.54 15.67
N GLN B 59 8.65 2.81 15.64
CA GLN B 59 9.95 3.44 15.40
C GLN B 59 10.90 2.44 14.76
N TYR B 60 11.82 2.93 13.93
CA TYR B 60 12.65 2.00 13.17
C TYR B 60 14.09 2.46 12.95
N ALA B 61 15.01 1.52 13.02
CA ALA B 61 16.36 1.81 12.58
C ALA B 61 16.28 2.09 11.09
N GLU B 62 16.96 3.13 10.64
CA GLU B 62 16.84 3.59 9.27
C GLU B 62 17.09 2.50 8.26
N SER B 63 18.27 1.90 8.34
CA SER B 63 18.66 0.83 7.41
C SER B 63 17.71 -0.36 7.55
N LEU B 64 17.56 -0.83 8.77
CA LEU B 64 16.67 -1.95 9.04
C LEU B 64 15.23 -1.50 9.10
N LYS B 65 14.78 -0.78 8.07
CA LYS B 65 13.37 -0.42 8.00
C LYS B 65 12.77 -0.91 6.69
N GLY B 66 11.47 -1.16 6.71
CA GLY B 66 10.80 -1.69 5.54
C GLY B 66 10.94 -3.19 5.41
N ARG B 67 12.06 -3.73 5.88
CA ARG B 67 12.26 -5.17 5.90
C ARG B 67 11.62 -5.75 7.16
N PHE B 68 11.71 -4.98 8.24
CA PHE B 68 11.23 -5.43 9.55
C PHE B 68 9.94 -4.72 9.93
N ALA B 69 9.06 -5.44 10.61
CA ALA B 69 7.80 -4.85 11.05
C ALA B 69 7.46 -5.28 12.46
N ILE B 70 7.09 -4.31 13.28
CA ILE B 70 6.76 -4.59 14.67
C ILE B 70 5.26 -4.45 14.85
N SER B 71 4.67 -5.31 15.67
CA SER B 71 3.24 -5.17 15.99
C SER B 71 2.91 -5.88 17.30
N ARG B 72 1.72 -5.63 17.82
CA ARG B 72 1.34 -6.20 19.10
C ARG B 72 -0.10 -6.71 19.13
N ASP B 73 -0.35 -7.61 20.07
CA ASP B 73 -1.65 -8.22 20.24
C ASP B 73 -1.93 -8.28 21.73
N ASN B 74 -2.41 -7.19 22.30
CA ASN B 74 -2.62 -7.13 23.74
C ASN B 74 -3.44 -8.30 24.25
N ALA B 75 -4.32 -8.79 23.39
CA ALA B 75 -5.14 -9.96 23.70
C ALA B 75 -4.27 -11.12 24.16
N LYS B 76 -3.19 -11.36 23.43
CA LYS B 76 -2.28 -12.45 23.77
C LYS B 76 -1.13 -11.95 24.62
N ASN B 77 -1.22 -10.72 25.10
CA ASN B 77 -0.09 -10.10 25.79
C ASN B 77 1.20 -10.40 25.04
N THR B 78 1.22 -10.06 23.75
CA THR B 78 2.35 -10.43 22.91
C THR B 78 2.76 -9.36 21.92
N VAL B 79 4.07 -9.25 21.72
CA VAL B 79 4.65 -8.37 20.72
C VAL B 79 5.41 -9.20 19.70
N TYR B 80 5.24 -8.88 18.43
CA TYR B 80 5.86 -9.66 17.36
C TYR B 80 6.88 -8.85 16.57
N LEU B 81 7.78 -9.56 15.91
CA LEU B 81 8.72 -8.94 15.00
C LEU B 81 8.77 -9.72 13.71
N GLN B 82 8.29 -9.11 12.63
CA GLN B 82 8.30 -9.72 11.32
C GLN B 82 9.56 -9.34 10.57
N MET B 83 10.39 -10.31 10.27
CA MET B 83 11.64 -10.03 9.57
C MET B 83 11.59 -10.49 8.13
N GLY B 84 11.22 -9.57 7.24
CA GLY B 84 11.16 -9.86 5.83
C GLY B 84 12.54 -9.91 5.19
N SER B 85 12.79 -10.96 4.40
CA SER B 85 14.04 -11.11 3.66
C SER B 85 15.25 -11.03 4.56
N LEU B 86 15.84 -12.19 4.85
CA LEU B 86 17.00 -12.26 5.74
C LEU B 86 18.34 -12.08 5.01
N LYS B 87 19.38 -11.84 5.79
CA LYS B 87 20.72 -11.68 5.25
C LYS B 87 21.73 -12.02 6.35
N PRO B 88 22.89 -12.56 5.97
CA PRO B 88 23.91 -13.01 6.91
C PRO B 88 24.16 -12.01 8.03
N GLU B 89 23.96 -10.73 7.77
CA GLU B 89 24.25 -9.67 8.74
C GLU B 89 23.19 -9.60 9.82
N ASP B 90 22.08 -10.28 9.57
CA ASP B 90 20.98 -10.26 10.51
C ASP B 90 21.14 -11.39 11.51
N THR B 91 22.28 -12.06 11.45
CA THR B 91 22.61 -13.08 12.43
C THR B 91 23.01 -12.40 13.72
N ALA B 92 22.30 -12.72 14.80
CA ALA B 92 22.56 -12.11 16.09
C ALA B 92 21.55 -12.63 17.11
N VAL B 93 21.70 -12.19 18.34
CA VAL B 93 20.78 -12.56 19.41
C VAL B 93 19.78 -11.44 19.65
N TYR B 94 18.50 -11.73 19.41
CA TYR B 94 17.46 -10.72 19.47
C TYR B 94 16.75 -10.63 20.81
N TYR B 95 16.69 -9.41 21.35
CA TYR B 95 16.08 -9.18 22.65
C TYR B 95 14.81 -8.35 22.52
N CYS B 96 13.90 -8.58 23.45
CA CYS B 96 12.64 -7.86 23.55
C CYS B 96 12.72 -7.07 24.85
N ALA B 97 12.14 -5.87 24.87
CA ALA B 97 12.26 -5.05 26.07
C ALA B 97 10.96 -4.31 26.35
N GLY B 98 10.80 -3.86 27.59
CA GLY B 98 9.54 -3.26 27.97
C GLY B 98 9.74 -1.87 28.47
N ASP B 99 8.77 -1.01 28.21
CA ASP B 99 8.82 0.36 28.67
C ASP B 99 7.59 0.68 29.49
N LEU B 100 7.81 0.78 30.80
CA LEU B 100 6.78 1.12 31.75
C LEU B 100 6.02 2.37 31.33
N TYR B 101 6.75 3.33 30.77
CA TYR B 101 6.18 4.64 30.49
C TYR B 101 5.40 4.63 29.19
N GLY B 102 5.39 3.47 28.52
CA GLY B 102 4.52 3.23 27.40
C GLY B 102 4.84 4.00 26.13
N LEU B 103 6.11 4.05 25.76
CA LEU B 103 6.50 4.77 24.55
C LEU B 103 7.38 3.92 23.63
N GLY B 104 8.33 3.22 24.21
CA GLY B 104 9.38 2.62 23.41
C GLY B 104 10.38 3.70 23.01
N SER B 105 11.62 3.30 22.77
CA SER B 105 12.69 4.25 22.50
C SER B 105 13.79 3.59 21.67
N HIS B 106 14.67 4.38 21.09
CA HIS B 106 15.80 3.79 20.36
C HIS B 106 16.96 3.64 21.32
N MET B 107 16.77 4.20 22.52
CA MET B 107 17.74 4.15 23.59
C MET B 107 17.37 3.04 24.57
N GLU B 108 18.14 1.96 24.56
CA GLU B 108 17.80 0.83 25.39
C GLU B 108 17.75 1.20 26.86
N ASN B 109 18.67 2.04 27.29
CA ASN B 109 18.75 2.37 28.71
C ASN B 109 17.44 2.91 29.23
N GLU B 110 16.50 3.19 28.33
CA GLU B 110 15.20 3.69 28.73
C GLU B 110 14.14 2.59 28.88
N TYR B 111 14.58 1.34 28.95
CA TYR B 111 13.67 0.20 29.10
C TYR B 111 13.87 -0.49 30.44
N ASP B 112 12.76 -0.70 31.15
CA ASP B 112 12.83 -1.29 32.49
C ASP B 112 12.88 -2.82 32.51
N SER B 113 12.34 -3.47 31.48
CA SER B 113 12.24 -4.93 31.46
C SER B 113 12.92 -5.53 30.26
N TRP B 114 13.40 -6.75 30.40
CA TRP B 114 14.18 -7.36 29.34
C TRP B 114 13.94 -8.87 29.21
N GLY B 115 14.14 -9.40 28.01
CA GLY B 115 13.97 -10.81 27.78
C GLY B 115 15.26 -11.59 27.98
N GLN B 116 15.17 -12.90 27.88
CA GLN B 116 16.36 -13.76 27.94
C GLN B 116 17.12 -13.62 26.63
N GLY B 117 16.40 -13.26 25.57
CA GLY B 117 16.96 -13.13 24.24
C GLY B 117 16.84 -14.43 23.46
N THR B 118 16.60 -14.33 22.16
CA THR B 118 16.56 -15.51 21.31
C THR B 118 17.75 -15.55 20.37
N GLN B 119 17.93 -16.65 19.65
CA GLN B 119 19.07 -16.80 18.75
C GLN B 119 18.67 -16.98 17.30
N VAL B 120 18.67 -15.88 16.55
CA VAL B 120 18.49 -15.95 15.12
C VAL B 120 19.85 -16.22 14.47
N THR B 121 19.88 -17.16 13.54
CA THR B 121 21.11 -17.51 12.83
C THR B 121 20.82 -17.70 11.34
N VAL B 122 21.28 -16.76 10.52
CA VAL B 122 21.03 -16.79 9.08
C VAL B 122 22.13 -17.53 8.31
N SER B 123 21.74 -18.27 7.28
CA SER B 123 22.66 -19.14 6.54
C SER B 123 23.67 -18.35 5.70
N SER B 124 24.36 -19.07 4.81
CA SER B 124 25.35 -18.49 3.92
C SER B 124 26.55 -17.86 4.64
N HIS B 125 26.90 -16.64 4.24
CA HIS B 125 28.05 -15.92 4.77
C HIS B 125 29.38 -16.49 4.26
N LYS C 4 -7.26 -3.64 1.17
CA LYS C 4 -7.96 -3.65 2.45
C LYS C 4 -8.60 -2.29 2.76
N SER C 5 -7.95 -1.21 2.32
CA SER C 5 -8.38 0.15 2.66
C SER C 5 -8.96 0.98 1.49
N VAL C 6 -10.22 1.36 1.66
CA VAL C 6 -10.90 2.27 0.75
C VAL C 6 -10.21 3.66 0.63
N ASN C 7 -9.63 4.14 1.73
CA ASN C 7 -8.95 5.43 1.72
C ASN C 7 -7.61 5.33 2.46
N SER C 8 -6.51 5.41 1.73
CA SER C 8 -5.22 5.15 2.35
C SER C 8 -4.10 5.96 1.77
N VAL C 9 -3.30 6.57 2.64
CA VAL C 9 -2.21 7.44 2.22
C VAL C 9 -0.91 7.07 2.90
N THR C 10 0.20 7.12 2.15
CA THR C 10 1.51 6.82 2.72
C THR C 10 2.51 7.89 2.38
N LEU C 11 2.95 8.64 3.38
CA LEU C 11 3.87 9.74 3.16
C LEU C 11 5.17 9.56 3.95
N VAL C 12 6.26 10.05 3.39
CA VAL C 12 7.54 10.01 4.09
C VAL C 12 8.23 11.36 3.97
N GLY C 13 8.65 11.91 5.10
CA GLY C 13 9.28 13.20 5.09
C GLY C 13 9.60 13.74 6.46
N VAL C 14 9.45 15.04 6.62
CA VAL C 14 10.06 15.73 7.74
C VAL C 14 9.07 16.55 8.52
N VAL C 15 9.25 16.51 9.84
CA VAL C 15 8.27 17.02 10.78
C VAL C 15 8.57 18.42 11.26
N HIS C 16 7.64 19.33 11.05
CA HIS C 16 7.76 20.67 11.58
C HIS C 16 6.49 21.03 12.34
N ASP C 17 6.54 22.06 13.18
CA ASP C 17 5.33 22.69 13.65
C ASP C 17 4.48 21.84 14.57
N ILE C 18 5.10 21.00 15.38
CA ILE C 18 4.33 20.16 16.27
C ILE C 18 3.48 21.00 17.23
N GLN C 19 2.19 20.68 17.30
CA GLN C 19 1.26 21.44 18.13
C GLN C 19 0.24 20.52 18.77
N SER C 20 -0.28 20.92 19.92
CA SER C 20 -1.27 20.12 20.64
C SER C 20 -2.58 20.90 20.76
N GLY C 21 -3.70 20.22 20.91
CA GLY C 21 -4.97 20.91 21.00
C GLY C 21 -6.25 20.07 21.03
N PHE C 22 -7.33 20.66 20.51
CA PHE C 22 -8.63 20.00 20.52
C PHE C 22 -9.50 20.33 19.33
N VAL C 23 -10.04 19.28 18.71
CA VAL C 23 -11.07 19.44 17.70
C VAL C 23 -12.34 18.80 18.24
N TYR C 24 -13.42 19.57 18.29
CA TYR C 24 -14.68 19.07 18.81
C TYR C 24 -14.47 18.32 20.12
N GLU C 25 -13.62 18.89 20.98
CA GLU C 25 -13.30 18.29 22.27
C GLU C 25 -12.33 17.10 22.15
N ASP C 26 -12.34 16.42 21.00
CA ASP C 26 -11.42 15.34 20.74
C ASP C 26 -9.97 15.80 20.84
N ALA C 27 -9.15 15.00 21.52
CA ALA C 27 -7.75 15.33 21.74
C ALA C 27 -6.93 14.96 20.51
N VAL C 28 -6.05 15.87 20.07
CA VAL C 28 -5.17 15.59 18.95
C VAL C 28 -3.86 16.35 19.05
N THR C 29 -2.80 15.79 18.49
CA THR C 29 -1.59 16.55 18.25
C THR C 29 -1.39 16.58 16.75
N GLN C 30 -0.92 17.71 16.25
CA GLN C 30 -0.80 17.91 14.83
C GLN C 30 0.58 18.39 14.45
N PHE C 31 1.04 17.96 13.28
CA PHE C 31 2.29 18.48 12.76
C PHE C 31 2.29 18.57 11.25
N THR C 32 3.23 19.35 10.74
CA THR C 32 3.40 19.53 9.32
C THR C 32 4.42 18.54 8.82
N LEU C 33 4.03 17.77 7.82
CA LEU C 33 4.91 16.82 7.20
C LEU C 33 5.17 17.25 5.77
N THR C 34 6.44 17.23 5.37
CA THR C 34 6.83 17.80 4.09
C THR C 34 7.43 16.76 3.18
N THR C 35 6.62 16.20 2.28
CA THR C 35 7.16 15.26 1.32
C THR C 35 7.84 16.03 0.19
N THR C 36 8.64 15.32 -0.59
CA THR C 36 9.44 15.93 -1.64
C THR C 36 9.62 14.91 -2.76
N SER C 37 8.91 15.12 -3.86
CA SER C 37 9.05 14.25 -5.03
C SER C 37 10.02 14.86 -6.02
N ILE C 38 10.85 14.02 -6.63
CA ILE C 38 11.81 14.49 -7.62
C ILE C 38 11.62 13.84 -9.00
N GLN C 45 15.73 17.61 -20.19
CA GLN C 45 15.62 18.89 -19.51
C GLN C 45 14.47 18.89 -18.50
N GLU C 46 14.36 17.80 -17.73
CA GLU C 46 13.25 17.63 -16.79
C GLU C 46 13.60 18.10 -15.36
N VAL C 47 13.80 17.15 -14.46
CA VAL C 47 14.07 17.45 -13.05
C VAL C 47 12.89 18.13 -12.36
N VAL C 48 11.83 17.36 -12.10
CA VAL C 48 10.65 17.86 -11.40
C VAL C 48 10.86 17.74 -9.89
N VAL C 49 11.04 18.88 -9.22
CA VAL C 49 11.31 18.90 -7.77
C VAL C 49 10.17 19.54 -6.97
N GLU C 50 9.14 18.75 -6.66
CA GLU C 50 7.92 19.30 -6.05
C GLU C 50 7.80 19.02 -4.55
N LYS C 51 7.68 20.09 -3.78
CA LYS C 51 7.39 20.00 -2.34
C LYS C 51 5.88 19.99 -2.03
N ASP C 52 5.50 19.30 -0.97
CA ASP C 52 4.10 19.29 -0.54
C ASP C 52 4.09 19.23 0.97
N HIS C 53 3.56 20.27 1.62
CA HIS C 53 3.52 20.35 3.08
C HIS C 53 2.21 19.87 3.67
N HIS C 54 2.10 18.57 3.96
CA HIS C 54 0.83 18.00 4.42
C HIS C 54 0.57 18.25 5.90
N THR C 55 -0.68 18.53 6.24
CA THR C 55 -1.07 18.65 7.64
C THR C 55 -1.45 17.28 8.15
N ILE C 56 -0.78 16.84 9.22
CA ILE C 56 -1.07 15.57 9.83
C ILE C 56 -1.80 15.76 11.14
N ARG C 57 -2.88 15.03 11.34
CA ARG C 57 -3.60 15.07 12.61
C ARG C 57 -3.66 13.71 13.27
N CYS C 58 -3.13 13.63 14.49
CA CYS C 58 -3.12 12.39 15.25
C CYS C 58 -4.18 12.41 16.36
N PHE C 59 -5.10 11.44 16.30
CA PHE C 59 -6.23 11.40 17.23
C PHE C 59 -6.08 10.27 18.23
N GLY C 60 -6.81 10.34 19.33
CA GLY C 60 -6.71 9.33 20.36
C GLY C 60 -6.14 9.92 21.64
N GLU C 61 -6.67 9.50 22.77
CA GLU C 61 -6.23 10.02 24.05
C GLU C 61 -4.79 9.61 24.29
N LEU C 62 -4.53 8.31 24.22
CA LEU C 62 -3.16 7.82 24.34
C LEU C 62 -2.35 8.35 23.15
N PHE C 63 -2.75 7.98 21.95
CA PHE C 63 -1.97 8.26 20.74
C PHE C 63 -1.51 9.71 20.66
N SER C 64 -2.40 10.66 20.92
CA SER C 64 -2.01 12.07 20.76
C SER C 64 -0.83 12.44 21.63
N ALA C 65 -0.79 11.91 22.86
CA ALA C 65 0.27 12.24 23.79
C ALA C 65 1.58 11.54 23.44
N GLU C 66 1.48 10.28 23.00
CA GLU C 66 2.66 9.53 22.59
C GLU C 66 3.42 10.28 21.49
N VAL C 67 2.68 10.85 20.55
CA VAL C 67 3.29 11.58 19.46
C VAL C 67 3.98 12.84 20.01
N LYS C 68 3.27 13.57 20.86
CA LYS C 68 3.79 14.84 21.34
C LYS C 68 5.02 14.63 22.20
N GLN C 69 5.10 13.48 22.86
CA GLN C 69 6.23 13.21 23.75
C GLN C 69 7.44 12.67 23.02
N LYS C 70 7.25 12.04 21.86
CA LYS C 70 8.36 11.40 21.17
C LYS C 70 8.75 12.11 19.91
N VAL C 71 7.76 12.49 19.13
CA VAL C 71 8.02 13.12 17.84
C VAL C 71 8.48 14.53 18.06
N LYS C 72 9.56 14.90 17.37
CA LYS C 72 10.19 16.19 17.58
C LYS C 72 10.52 16.86 16.25
N GLU C 73 10.49 18.19 16.27
CA GLU C 73 10.83 19.03 15.12
C GLU C 73 12.07 18.56 14.38
N GLY C 74 11.90 18.15 13.13
CA GLY C 74 13.05 17.75 12.36
C GLY C 74 13.12 16.26 12.13
N ASN C 75 12.38 15.50 12.93
CA ASN C 75 12.36 14.05 12.75
C ASN C 75 11.95 13.66 11.34
N VAL C 76 12.37 12.49 10.88
CA VAL C 76 11.79 11.90 9.69
C VAL C 76 10.75 10.87 10.12
N VAL C 77 9.63 10.80 9.44
CA VAL C 77 8.61 9.84 9.82
C VAL C 77 7.99 9.27 8.59
N CYS C 78 7.47 8.05 8.71
CA CYS C 78 6.53 7.53 7.73
C CYS C 78 5.14 7.68 8.34
N VAL C 79 4.22 8.21 7.55
CA VAL C 79 2.88 8.41 8.05
C VAL C 79 1.88 7.68 7.18
N ASN C 80 0.90 7.09 7.83
CA ASN C 80 -0.10 6.26 7.17
C ASN C 80 -1.47 6.64 7.72
N GLY C 81 -2.42 6.96 6.84
CA GLY C 81 -3.71 7.43 7.29
C GLY C 81 -4.69 7.78 6.19
N ARG C 82 -5.80 8.39 6.59
CA ARG C 82 -6.87 8.75 5.67
C ARG C 82 -6.81 10.22 5.26
N LEU C 83 -6.96 10.45 3.96
CA LEU C 83 -7.10 11.78 3.44
C LEU C 83 -8.52 12.28 3.71
N ARG C 84 -8.66 13.49 4.24
CA ARG C 84 -9.96 14.03 4.58
C ARG C 84 -10.02 15.52 4.31
N LEU C 85 -11.24 16.03 4.19
CA LEU C 85 -11.46 17.45 3.94
C LEU C 85 -12.41 18.05 4.95
N SER C 86 -11.91 19.05 5.68
CA SER C 86 -12.73 19.74 6.67
C SER C 86 -12.71 21.24 6.42
N PRO C 87 -13.90 21.84 6.21
CA PRO C 87 -14.06 23.29 6.06
C PRO C 87 -14.47 23.95 7.35
N GLN C 88 -15.11 25.11 7.25
CA GLN C 88 -15.69 25.78 8.40
C GLN C 88 -17.11 26.26 8.09
N HIS C 96 -16.90 27.92 4.04
CA HIS C 96 -16.50 28.88 3.01
C HIS C 96 -15.19 28.48 2.33
N PHE C 97 -14.37 27.71 3.04
CA PHE C 97 -13.12 27.18 2.52
C PHE C 97 -12.88 25.76 3.02
N TYR C 98 -12.23 24.94 2.21
CA TYR C 98 -11.99 23.53 2.54
C TYR C 98 -10.56 23.28 3.00
N PHE C 99 -10.40 22.59 4.14
CA PHE C 99 -9.06 22.25 4.61
C PHE C 99 -8.72 20.77 4.41
N PRO C 100 -7.61 20.52 3.70
CA PRO C 100 -7.05 19.19 3.44
C PRO C 100 -6.14 18.78 4.58
N TYR C 101 -6.32 17.57 5.09
CA TYR C 101 -5.43 17.04 6.12
C TYR C 101 -5.38 15.52 6.07
N ILE C 102 -4.64 14.93 7.00
CA ILE C 102 -4.48 13.48 7.05
C ILE C 102 -4.76 12.94 8.42
N GLN C 103 -5.65 11.97 8.49
CA GLN C 103 -6.15 11.54 9.79
C GLN C 103 -5.46 10.28 10.23
N VAL C 104 -4.70 10.39 11.31
CA VAL C 104 -3.96 9.25 11.83
C VAL C 104 -4.51 8.88 13.18
N GLN C 105 -4.82 7.60 13.32
CA GLN C 105 -5.46 7.08 14.51
C GLN C 105 -5.43 5.58 14.38
N PRO C 106 -4.86 4.89 15.37
CA PRO C 106 -4.79 3.42 15.43
C PRO C 106 -6.19 2.84 15.47
N PRO C 107 -6.38 1.64 14.90
CA PRO C 107 -5.35 0.77 14.32
C PRO C 107 -5.23 0.99 12.82
N HIS C 108 -5.82 2.05 12.31
CA HIS C 108 -5.77 2.28 10.87
C HIS C 108 -4.54 3.09 10.45
N GLY C 109 -4.27 4.16 11.18
CA GLY C 109 -3.16 5.03 10.87
C GLY C 109 -1.95 4.70 11.70
N GLN C 110 -0.81 5.27 11.32
CA GLN C 110 0.44 5.06 12.02
C GLN C 110 1.44 6.20 11.77
N VAL C 111 2.15 6.59 12.81
CA VAL C 111 3.29 7.46 12.66
C VAL C 111 4.52 6.65 13.02
N ALA C 112 5.42 6.48 12.06
CA ALA C 112 6.55 5.60 12.29
C ALA C 112 7.83 6.41 12.20
N VAL C 113 8.49 6.60 13.33
CA VAL C 113 9.71 7.38 13.38
C VAL C 113 10.88 6.59 12.84
N ILE C 114 11.68 7.24 12.00
CA ILE C 114 12.83 6.59 11.38
C ILE C 114 14.11 7.22 11.90
N HIS C 115 14.98 6.37 12.46
CA HIS C 115 16.17 6.83 13.17
C HIS C 115 17.45 6.69 12.35
N GLY C 116 18.18 7.80 12.20
CA GLY C 116 19.34 7.81 11.34
C GLY C 116 20.65 7.60 12.06
N ASP C 117 21.74 7.73 11.30
CA ASP C 117 23.11 7.56 11.80
C ASP C 117 23.51 6.10 11.84
N SER D 5 11.59 9.07 0.74
CA SER D 5 10.69 10.23 0.75
C SER D 5 9.57 10.14 -0.30
N VAL D 6 8.71 9.13 -0.17
CA VAL D 6 7.66 8.91 -1.14
C VAL D 6 6.31 9.53 -0.76
N ASN D 7 5.38 9.44 -1.70
CA ASN D 7 4.10 10.14 -1.63
C ASN D 7 3.09 9.28 -2.37
N SER D 8 2.42 8.39 -1.65
CA SER D 8 1.54 7.43 -2.30
C SER D 8 0.12 7.49 -1.77
N VAL D 9 -0.84 7.27 -2.67
CA VAL D 9 -2.25 7.35 -2.35
C VAL D 9 -3.02 6.23 -3.04
N THR D 10 -3.85 5.49 -2.29
CA THR D 10 -4.67 4.45 -2.89
C THR D 10 -6.13 4.61 -2.50
N LEU D 11 -7.01 4.82 -3.46
CA LEU D 11 -8.40 5.12 -3.18
C LEU D 11 -9.34 4.21 -3.95
N VAL D 12 -10.37 3.72 -3.28
CA VAL D 12 -11.41 2.92 -3.91
C VAL D 12 -12.77 3.56 -3.63
N GLY D 13 -13.52 3.87 -4.68
CA GLY D 13 -14.73 4.64 -4.52
C GLY D 13 -15.53 4.76 -5.79
N VAL D 14 -16.40 5.77 -5.86
CA VAL D 14 -17.34 5.90 -6.96
C VAL D 14 -17.09 7.17 -7.72
N VAL D 15 -17.24 7.09 -9.03
CA VAL D 15 -16.93 8.21 -9.91
C VAL D 15 -18.12 9.13 -10.16
N HIS D 16 -17.90 10.44 -10.07
CA HIS D 16 -18.85 11.45 -10.49
C HIS D 16 -18.10 12.59 -11.17
N ASP D 17 -18.78 13.32 -12.05
CA ASP D 17 -18.24 14.55 -12.64
C ASP D 17 -16.98 14.34 -13.43
N ILE D 18 -17.09 13.64 -14.54
CA ILE D 18 -15.97 13.46 -15.42
C ILE D 18 -15.94 14.64 -16.34
N GLN D 19 -14.78 15.25 -16.48
CA GLN D 19 -14.61 16.38 -17.36
C GLN D 19 -13.23 16.37 -17.98
N SER D 20 -13.18 16.48 -19.30
CA SER D 20 -11.90 16.66 -20.00
C SER D 20 -11.68 18.14 -20.22
N GLY D 21 -10.42 18.54 -20.27
CA GLY D 21 -10.09 19.93 -20.54
C GLY D 21 -8.59 20.09 -20.49
N PHE D 22 -8.14 21.31 -20.22
CA PHE D 22 -6.71 21.55 -20.10
C PHE D 22 -6.38 22.30 -18.82
N VAL D 23 -5.11 22.56 -18.60
CA VAL D 23 -4.69 23.35 -17.45
C VAL D 23 -3.62 24.36 -17.88
N TYR D 24 -2.39 23.89 -18.04
CA TYR D 24 -1.29 24.73 -18.50
C TYR D 24 -0.84 24.28 -19.89
N GLU D 25 -1.80 24.02 -20.77
CA GLU D 25 -1.52 23.43 -22.08
C GLU D 25 -1.15 21.95 -21.96
N ASP D 26 -1.90 21.23 -21.13
CA ASP D 26 -1.72 19.78 -20.93
C ASP D 26 -3.11 19.16 -20.81
N ALA D 27 -3.35 18.12 -21.62
CA ALA D 27 -4.61 17.40 -21.58
C ALA D 27 -4.87 16.90 -20.16
N VAL D 28 -6.14 16.93 -19.75
CA VAL D 28 -6.50 16.40 -18.44
C VAL D 28 -7.97 15.97 -18.38
N THR D 29 -8.19 14.74 -17.94
CA THR D 29 -9.52 14.31 -17.61
C THR D 29 -9.61 14.22 -16.11
N GLN D 30 -10.50 14.98 -15.50
CA GLN D 30 -10.62 14.92 -14.07
C GLN D 30 -12.00 14.42 -13.64
N PHE D 31 -12.04 13.77 -12.49
CA PHE D 31 -13.30 13.38 -11.89
C PHE D 31 -13.25 13.40 -10.37
N THR D 32 -14.43 13.45 -9.77
CA THR D 32 -14.54 13.32 -8.33
C THR D 32 -14.65 11.84 -7.99
N LEU D 33 -14.02 11.45 -6.89
CA LEU D 33 -14.11 10.08 -6.40
C LEU D 33 -14.59 10.10 -4.97
N THR D 34 -15.69 9.38 -4.72
CA THR D 34 -16.29 9.33 -3.39
C THR D 34 -15.93 8.08 -2.65
N THR D 35 -15.31 8.22 -1.49
CA THR D 35 -15.00 7.06 -0.66
C THR D 35 -15.80 7.07 0.64
N THR D 36 -16.04 5.88 1.17
CA THR D 36 -16.90 5.75 2.32
C THR D 36 -16.31 4.73 3.27
N SER D 37 -15.76 5.23 4.38
CA SER D 37 -15.25 4.33 5.40
C SER D 37 -16.36 4.03 6.42
N ILE D 38 -16.61 2.74 6.63
CA ILE D 38 -17.57 2.31 7.66
C ILE D 38 -16.81 1.91 8.93
N ASP D 39 -16.85 2.79 9.93
CA ASP D 39 -16.05 2.65 11.15
C ASP D 39 -16.09 1.26 11.81
N THR D 40 -14.90 0.72 12.07
CA THR D 40 -14.79 -0.62 12.67
C THR D 40 -14.71 -0.59 14.19
N THR D 41 -15.84 -0.82 14.85
CA THR D 41 -15.88 -0.99 16.30
C THR D 41 -16.41 -2.38 16.61
N HIS D 42 -16.60 -2.69 17.89
CA HIS D 42 -17.11 -4.00 18.30
C HIS D 42 -18.64 -4.03 18.25
N GLU D 46 -22.17 4.11 18.34
CA GLU D 46 -21.82 3.02 17.43
C GLU D 46 -22.38 3.28 16.03
N VAL D 47 -21.84 2.55 15.05
CA VAL D 47 -22.27 2.66 13.65
C VAL D 47 -21.97 4.03 13.02
N VAL D 48 -20.68 4.36 12.90
CA VAL D 48 -20.25 5.66 12.38
C VAL D 48 -19.68 5.56 10.96
N VAL D 49 -20.07 6.48 10.09
CA VAL D 49 -19.69 6.39 8.68
C VAL D 49 -19.19 7.71 8.10
N GLU D 50 -17.88 7.82 7.90
CA GLU D 50 -17.29 9.00 7.29
C GLU D 50 -17.21 8.85 5.76
N LYS D 51 -17.39 9.97 5.07
CA LYS D 51 -17.48 9.94 3.63
C LYS D 51 -16.67 11.11 3.07
N ASP D 52 -15.82 10.84 2.08
CA ASP D 52 -14.90 11.85 1.53
C ASP D 52 -15.02 11.93 0.01
N HIS D 53 -14.83 13.13 -0.51
CA HIS D 53 -14.82 13.35 -1.95
C HIS D 53 -13.44 13.85 -2.33
N HIS D 54 -12.86 13.27 -3.37
CA HIS D 54 -11.49 13.59 -3.74
C HIS D 54 -11.42 14.00 -5.21
N THR D 55 -10.51 14.90 -5.55
CA THR D 55 -10.35 15.28 -6.95
C THR D 55 -9.25 14.46 -7.58
N ILE D 56 -9.62 13.67 -8.57
CA ILE D 56 -8.69 12.81 -9.26
C ILE D 56 -8.46 13.43 -10.60
N ARG D 57 -7.20 13.48 -11.00
CA ARG D 57 -6.78 14.22 -12.18
C ARG D 57 -5.77 13.42 -12.96
N CYS D 58 -6.09 13.11 -14.22
CA CYS D 58 -5.29 12.20 -15.01
C CYS D 58 -4.49 12.91 -16.11
N PHE D 59 -3.18 12.87 -16.02
CA PHE D 59 -2.34 13.57 -16.98
C PHE D 59 -1.87 12.67 -18.11
N GLY D 60 -1.76 13.26 -19.30
CA GLY D 60 -1.36 12.54 -20.49
C GLY D 60 -2.36 12.77 -21.60
N GLU D 61 -1.89 12.76 -22.85
CA GLU D 61 -2.80 12.91 -23.98
C GLU D 61 -3.48 11.57 -24.24
N LEU D 62 -2.69 10.51 -24.18
CA LEU D 62 -3.21 9.15 -24.24
C LEU D 62 -4.10 8.84 -23.05
N PHE D 63 -3.51 8.86 -21.85
CA PHE D 63 -4.17 8.39 -20.64
C PHE D 63 -5.43 9.19 -20.36
N SER D 64 -5.31 10.51 -20.45
CA SER D 64 -6.48 11.36 -20.29
C SER D 64 -7.59 10.94 -21.22
N ALA D 65 -7.24 10.58 -22.46
CA ALA D 65 -8.24 10.19 -23.45
C ALA D 65 -8.84 8.84 -23.14
N GLU D 66 -7.97 7.86 -22.88
CA GLU D 66 -8.38 6.54 -22.44
C GLU D 66 -9.41 6.70 -21.32
N VAL D 67 -9.04 7.48 -20.30
CA VAL D 67 -9.90 7.64 -19.16
C VAL D 67 -11.25 8.22 -19.56
N LYS D 68 -11.23 9.32 -20.29
CA LYS D 68 -12.44 10.00 -20.72
C LYS D 68 -13.37 9.05 -21.46
N GLN D 69 -12.80 8.17 -22.28
CA GLN D 69 -13.60 7.23 -23.07
C GLN D 69 -14.21 6.08 -22.28
N LYS D 70 -13.40 5.45 -21.43
CA LYS D 70 -13.83 4.21 -20.78
C LYS D 70 -14.62 4.45 -19.51
N VAL D 71 -14.14 5.38 -18.69
CA VAL D 71 -14.66 5.55 -17.35
C VAL D 71 -15.98 6.32 -17.32
N LYS D 72 -17.00 5.71 -16.71
CA LYS D 72 -18.36 6.26 -16.74
C LYS D 72 -18.86 6.66 -15.36
N GLU D 73 -19.68 7.70 -15.33
CA GLU D 73 -20.33 8.15 -14.12
C GLU D 73 -20.89 6.94 -13.42
N GLY D 74 -20.62 6.81 -12.13
CA GLY D 74 -21.17 5.73 -11.34
C GLY D 74 -20.26 4.52 -11.21
N ASN D 75 -19.29 4.40 -12.11
CA ASN D 75 -18.31 3.33 -12.02
C ASN D 75 -17.66 3.34 -10.66
N VAL D 76 -17.28 2.16 -10.20
CA VAL D 76 -16.40 2.02 -9.06
C VAL D 76 -14.98 1.86 -9.62
N VAL D 77 -14.03 2.61 -9.09
CA VAL D 77 -12.64 2.42 -9.50
C VAL D 77 -11.66 2.50 -8.34
N CYS D 78 -10.43 2.07 -8.62
CA CYS D 78 -9.34 2.08 -7.67
C CYS D 78 -8.23 2.92 -8.26
N VAL D 79 -7.75 3.90 -7.50
CA VAL D 79 -6.82 4.85 -8.05
C VAL D 79 -5.49 4.88 -7.29
N ASN D 80 -4.38 4.79 -8.00
CA ASN D 80 -3.06 5.03 -7.37
C ASN D 80 -2.46 6.31 -7.89
N GLY D 81 -1.99 7.19 -7.01
CA GLY D 81 -1.34 8.42 -7.44
C GLY D 81 -0.68 9.21 -6.33
N ARG D 82 -0.27 10.45 -6.62
CA ARG D 82 0.35 11.29 -5.61
C ARG D 82 -0.61 12.31 -5.07
N LEU D 83 -0.70 12.38 -3.76
CA LEU D 83 -1.38 13.49 -3.11
C LEU D 83 -0.57 14.76 -3.34
N ARG D 84 -1.15 15.69 -4.10
CA ARG D 84 -0.48 16.94 -4.41
C ARG D 84 -1.28 18.13 -3.87
N LEU D 85 -0.58 19.14 -3.37
CA LEU D 85 -1.23 20.32 -2.82
C LEU D 85 -1.01 21.50 -3.74
N SER D 86 -2.11 22.17 -4.09
CA SER D 86 -2.01 23.34 -4.96
C SER D 86 -2.23 24.65 -4.19
N PRO D 87 -1.20 25.51 -4.18
CA PRO D 87 -1.32 26.84 -3.59
C PRO D 87 -2.37 27.62 -4.36
N GLN D 88 -2.29 27.52 -5.69
CA GLN D 88 -3.29 28.10 -6.58
C GLN D 88 -4.64 28.29 -5.90
N HIS D 96 -3.64 31.91 3.02
CA HIS D 96 -2.99 30.73 2.45
C HIS D 96 -4.01 29.62 2.16
N PHE D 97 -4.08 29.22 0.90
CA PHE D 97 -5.03 28.20 0.46
C PHE D 97 -4.35 27.10 -0.38
N TYR D 98 -4.56 25.85 -0.02
CA TYR D 98 -3.97 24.73 -0.76
C TYR D 98 -5.04 23.72 -1.20
N PHE D 99 -5.23 23.60 -2.52
CA PHE D 99 -6.21 22.66 -3.09
C PHE D 99 -5.60 21.28 -3.29
N PRO D 100 -6.24 20.26 -2.73
CA PRO D 100 -5.71 18.90 -2.77
C PRO D 100 -6.32 18.10 -3.92
N TYR D 101 -5.48 17.72 -4.87
CA TYR D 101 -5.90 16.80 -5.91
C TYR D 101 -4.97 15.61 -6.01
N ILE D 102 -5.43 14.53 -6.62
CA ILE D 102 -4.57 13.37 -6.83
C ILE D 102 -4.01 13.36 -8.25
N GLN D 103 -2.69 13.35 -8.35
CA GLN D 103 -2.03 13.36 -9.64
C GLN D 103 -1.80 11.94 -10.11
N VAL D 104 -2.44 11.55 -11.20
CA VAL D 104 -2.36 10.19 -11.69
C VAL D 104 -1.87 10.18 -13.12
N GLN D 105 -0.78 9.47 -13.35
CA GLN D 105 -0.23 9.29 -14.68
C GLN D 105 0.77 8.15 -14.64
N PRO D 106 0.70 7.24 -15.61
CA PRO D 106 1.60 6.10 -15.67
C PRO D 106 3.05 6.53 -15.90
N PRO D 107 4.02 5.70 -15.51
CA PRO D 107 3.81 4.36 -14.95
C PRO D 107 3.66 4.40 -13.43
N HIS D 108 3.65 5.61 -12.88
CA HIS D 108 3.53 5.76 -11.45
C HIS D 108 2.14 5.36 -11.02
N GLY D 109 1.15 6.09 -11.53
CA GLY D 109 -0.23 5.91 -11.13
C GLY D 109 -1.06 5.18 -12.15
N GLN D 110 -2.25 4.78 -11.75
CA GLN D 110 -3.21 4.20 -12.67
C GLN D 110 -4.63 4.25 -12.09
N VAL D 111 -5.60 4.02 -12.97
CA VAL D 111 -7.00 4.01 -12.61
C VAL D 111 -7.53 2.67 -13.04
N ALA D 112 -7.99 1.86 -12.10
CA ALA D 112 -8.55 0.56 -12.42
C ALA D 112 -10.08 0.55 -12.28
N VAL D 113 -10.76 0.14 -13.35
CA VAL D 113 -12.21 -0.02 -13.30
C VAL D 113 -12.57 -1.38 -12.73
N ILE D 114 -13.46 -1.38 -11.75
CA ILE D 114 -13.89 -2.63 -11.17
C ILE D 114 -15.29 -2.90 -11.69
N HIS D 115 -15.40 -3.95 -12.50
CA HIS D 115 -16.67 -4.34 -13.09
C HIS D 115 -17.30 -5.40 -12.21
N GLY D 116 -18.49 -5.12 -11.69
CA GLY D 116 -19.19 -6.07 -10.84
C GLY D 116 -20.27 -6.83 -11.61
N ASP D 117 -21.52 -6.53 -11.29
CA ASP D 117 -22.68 -7.17 -11.93
C ASP D 117 -23.92 -6.26 -11.92
#